data_6UPG
#
_entry.id   6UPG
#
_cell.length_a   77.460
_cell.length_b   77.460
_cell.length_c   262.588
_cell.angle_alpha   90.000
_cell.angle_beta   90.000
_cell.angle_gamma   120.000
#
_symmetry.space_group_name_H-M   'P 65 2 2'
#
loop_
_entity.id
_entity.type
_entity.pdbx_description
1 polymer 'Mycocyclosin synthase'
2 non-polymer 'PROTOPORPHYRIN IX CONTAINING FE'
3 non-polymer (3~{S},6~{S})-3-[(4-hydroxyphenyl)methyl]-6-[(4-methoxyphenyl)methyl]piperazine-2,5-dione
4 water water
#
_entity_poly.entity_id   1
_entity_poly.type   'polypeptide(L)'
_entity_poly.pdbx_seq_one_letter_code
;TATVLLEVPFSARGDRIPDAVAELRTREPIRKVRTITGAEAWLVSSYALCTQVLEDRRFSMKETAAAGAPRLNALTVPPE
VVNNMGNIADAGLRKAVMKAITPKAPGLEQFLRDTANSLLDNLITEGAPADLRNDFADPLATALHCKVLGIPQEDGPKLF
RSLSIAFMSSADPIPAAKINWDRDIEYMAGILENPNITTGLMGELSRLRKDPAYSHVSDELFATIGVTFFGAGVISTGSF
LTTALISLIQRPQLRNLLHEKPELIPAGVEELLRINLSFADGLPRLATADIQVGDVLVRKGELVLVLLEGANFDPEHFPN
PGSIELDRPNPTSHLAFGRGQHFCPGSALGRRHAQIGIEALLKKMPGVDLAVPIDQLVWRTRFQRRIPERLPVLW
;
_entity_poly.pdbx_strand_id   A
#
# COMPACT_ATOMS: atom_id res chain seq x y z
C THR A 1 0.91 36.68 9.53
N ALA A 2 -0.39 36.74 9.85
CA ALA A 2 -1.09 35.56 10.32
C ALA A 2 -0.97 34.42 9.32
N THR A 3 -0.88 33.20 9.84
CA THR A 3 -0.81 32.00 9.02
C THR A 3 -1.94 31.06 9.41
N VAL A 4 -2.31 30.19 8.48
CA VAL A 4 -3.35 29.21 8.75
C VAL A 4 -2.75 27.97 9.40
N LEU A 5 -3.62 27.13 9.95
CA LEU A 5 -3.20 25.89 10.57
C LEU A 5 -2.46 25.02 9.57
N LEU A 6 -1.38 24.39 10.02
CA LEU A 6 -0.56 23.55 9.16
C LEU A 6 -1.42 22.52 8.42
N GLU A 7 -1.22 22.42 7.11
CA GLU A 7 -2.03 21.56 6.26
C GLU A 7 -1.28 20.28 5.92
N VAL A 8 -2.05 19.18 5.82
CA VAL A 8 -1.50 17.89 5.38
C VAL A 8 -2.18 17.51 4.07
N PRO A 9 -1.51 16.77 3.18
CA PRO A 9 -0.14 16.28 3.34
C PRO A 9 0.91 17.32 3.01
N PHE A 10 2.16 17.08 3.40
CA PHE A 10 3.21 18.07 3.22
C PHE A 10 3.72 18.13 1.77
N SER A 11 3.96 16.97 1.15
CA SER A 11 4.46 16.96 -0.22
C SER A 11 4.15 15.60 -0.82
N ALA A 12 3.73 15.61 -2.08
CA ALA A 12 3.47 14.39 -2.83
C ALA A 12 4.75 13.72 -3.34
N ARG A 13 5.91 14.35 -3.17
CA ARG A 13 7.16 13.73 -3.63
C ARG A 13 7.50 12.52 -2.78
N GLY A 14 7.76 11.39 -3.44
CA GLY A 14 8.13 10.16 -2.77
C GLY A 14 9.60 9.81 -2.83
N ASP A 15 10.46 10.74 -3.24
CA ASP A 15 11.90 10.53 -3.33
C ASP A 15 12.68 11.22 -2.22
N ARG A 16 12.01 11.93 -1.32
CA ARG A 16 12.69 12.61 -0.23
C ARG A 16 11.67 12.89 0.86
N ILE A 17 12.12 12.81 2.11
CA ILE A 17 11.25 13.15 3.25
C ILE A 17 11.42 14.63 3.56
N PRO A 18 10.33 15.38 3.75
CA PRO A 18 10.47 16.80 4.07
C PRO A 18 11.15 17.01 5.42
N ASP A 19 12.01 18.03 5.48
CA ASP A 19 12.63 18.42 6.75
C ASP A 19 11.58 18.65 7.83
N ALA A 20 10.37 19.05 7.43
CA ALA A 20 9.33 19.37 8.42
C ALA A 20 8.99 18.18 9.30
N VAL A 21 9.12 16.96 8.77
CA VAL A 21 8.74 15.78 9.56
C VAL A 21 9.59 15.68 10.82
N ALA A 22 10.92 15.79 10.68
CA ALA A 22 11.79 15.69 11.84
C ALA A 22 11.58 16.84 12.81
N GLU A 23 11.30 18.04 12.29
CA GLU A 23 11.02 19.18 13.16
C GLU A 23 9.76 18.95 13.97
N LEU A 24 8.69 18.47 13.32
CA LEU A 24 7.47 18.17 14.05
C LEU A 24 7.70 17.08 15.07
N ARG A 25 8.43 16.03 14.67
CA ARG A 25 8.63 14.91 15.58
C ARG A 25 9.36 15.34 16.83
N THR A 26 10.35 16.21 16.67
CA THR A 26 11.14 16.66 17.81
C THR A 26 10.34 17.59 18.71
N ARG A 27 9.60 18.53 18.12
CA ARG A 27 8.98 19.58 18.90
C ARG A 27 7.55 19.27 19.31
N GLU A 28 6.78 18.60 18.45
CA GLU A 28 5.35 18.39 18.69
C GLU A 28 4.91 17.10 18.02
N PRO A 29 5.30 15.95 18.60
CA PRO A 29 5.05 14.66 17.92
C PRO A 29 3.58 14.27 17.83
N ILE A 30 2.69 15.01 18.49
CA ILE A 30 1.27 15.01 18.15
C ILE A 30 0.83 16.45 18.07
N ARG A 31 0.31 16.85 16.91
CA ARG A 31 0.07 18.25 16.61
C ARG A 31 -1.18 18.36 15.76
N LYS A 32 -1.90 19.47 15.92
CA LYS A 32 -3.11 19.68 15.16
C LYS A 32 -2.76 20.12 13.74
N VAL A 33 -3.48 19.57 12.76
CA VAL A 33 -3.32 19.90 11.34
C VAL A 33 -4.70 20.00 10.71
N ARG A 34 -4.74 20.55 9.50
CA ARG A 34 -5.96 20.61 8.70
C ARG A 34 -5.82 19.69 7.49
N THR A 35 -6.82 18.85 7.27
CA THR A 35 -6.82 17.95 6.12
C THR A 35 -7.42 18.64 4.89
N ILE A 36 -7.36 17.93 3.75
CA ILE A 36 -7.85 18.51 2.51
C ILE A 36 -9.34 18.80 2.53
N THR A 37 -10.11 18.17 3.44
CA THR A 37 -11.53 18.47 3.53
C THR A 37 -11.81 19.73 4.32
N GLY A 38 -10.82 20.29 4.99
CA GLY A 38 -11.03 21.36 5.94
C GLY A 38 -11.17 20.91 7.39
N ALA A 39 -11.26 19.60 7.63
CA ALA A 39 -11.34 19.11 8.99
C ALA A 39 -10.01 19.27 9.71
N GLU A 40 -10.10 19.41 11.04
CA GLU A 40 -8.92 19.35 11.89
C GLU A 40 -8.64 17.91 12.30
N ALA A 41 -7.37 17.61 12.55
CA ALA A 41 -6.94 16.27 12.91
C ALA A 41 -5.67 16.37 13.73
N TRP A 42 -5.36 15.29 14.45
CA TRP A 42 -4.10 15.18 15.17
C TRP A 42 -3.12 14.36 14.35
N LEU A 43 -2.00 14.97 13.97
CA LEU A 43 -0.94 14.28 13.23
C LEU A 43 0.09 13.75 14.22
N VAL A 44 0.29 12.43 14.20
CA VAL A 44 1.18 11.75 15.12
C VAL A 44 2.41 11.30 14.34
N SER A 45 3.61 11.66 14.83
CA SER A 45 4.81 11.52 14.02
C SER A 45 6.02 10.88 14.69
N SER A 46 5.89 10.41 15.92
CA SER A 46 6.98 9.66 16.54
C SER A 46 6.64 8.18 16.56
N TYR A 47 7.69 7.34 16.55
CA TYR A 47 7.47 5.90 16.62
C TYR A 47 6.63 5.51 17.84
N ALA A 48 6.99 6.06 19.02
CA ALA A 48 6.31 5.65 20.24
C ALA A 48 4.83 6.00 20.19
N LEU A 49 4.48 7.21 19.72
CA LEU A 49 3.08 7.58 19.72
C LEU A 49 2.31 6.94 18.57
N CYS A 50 2.98 6.70 17.44
CA CYS A 50 2.33 6.04 16.31
C CYS A 50 1.94 4.61 16.70
N THR A 51 2.86 3.89 17.34
CA THR A 51 2.55 2.54 17.81
C THR A 51 1.43 2.56 18.85
N GLN A 52 1.45 3.52 19.78
CA GLN A 52 0.39 3.60 20.77
C GLN A 52 -0.97 3.71 20.10
N VAL A 53 -1.10 4.60 19.12
CA VAL A 53 -2.39 4.77 18.46
C VAL A 53 -2.80 3.50 17.72
N LEU A 54 -1.86 2.90 16.98
CA LEU A 54 -2.21 1.73 16.18
C LEU A 54 -2.53 0.50 17.02
N GLU A 55 -2.02 0.43 18.25
CA GLU A 55 -2.26 -0.70 19.12
C GLU A 55 -3.44 -0.52 20.07
N ASP A 56 -4.15 0.61 19.98
CA ASP A 56 -5.29 0.90 20.85
C ASP A 56 -6.52 0.93 19.97
N ARG A 57 -7.34 -0.12 20.02
CA ARG A 57 -8.51 -0.22 19.16
C ARG A 57 -9.55 0.86 19.43
N ARG A 58 -9.45 1.57 20.56
CA ARG A 58 -10.35 2.71 20.77
C ARG A 58 -10.11 3.81 19.73
N PHE A 59 -8.95 3.81 19.08
CA PHE A 59 -8.74 4.60 17.87
C PHE A 59 -9.19 3.71 16.72
N SER A 60 -10.39 3.97 16.19
CA SER A 60 -11.11 3.02 15.36
C SER A 60 -10.97 3.34 13.87
N MET A 61 -10.66 2.34 13.06
CA MET A 61 -10.75 2.51 11.61
C MET A 61 -12.22 2.56 11.17
N LYS A 62 -13.02 1.60 11.64
CA LYS A 62 -14.42 1.53 11.24
C LYS A 62 -15.13 2.88 11.42
N GLU A 63 -14.90 3.52 12.56
CA GLU A 63 -15.65 4.73 12.88
C GLU A 63 -15.23 5.94 12.04
N THR A 64 -14.10 5.88 11.33
CA THR A 64 -13.78 6.98 10.41
C THR A 64 -14.86 7.16 9.36
N ALA A 65 -15.66 6.14 9.08
CA ALA A 65 -16.70 6.24 8.07
C ALA A 65 -18.01 6.80 8.60
N ALA A 66 -18.09 7.12 9.89
CA ALA A 66 -19.34 7.62 10.46
C ALA A 66 -19.75 8.95 9.82
N ALA A 67 -21.05 9.09 9.56
CA ALA A 67 -21.56 10.35 9.05
C ALA A 67 -21.24 11.47 10.04
N GLY A 68 -20.79 12.60 9.51
CA GLY A 68 -20.52 13.76 10.32
C GLY A 68 -19.17 13.78 10.99
N ALA A 69 -18.36 12.73 10.83
CA ALA A 69 -17.03 12.71 11.42
C ALA A 69 -16.10 13.67 10.68
N PRO A 70 -15.10 14.22 11.37
CA PRO A 70 -14.03 14.91 10.65
C PRO A 70 -13.33 13.91 9.75
N ARG A 71 -13.10 14.31 8.49
CA ARG A 71 -12.62 13.39 7.46
C ARG A 71 -11.23 13.78 6.94
N LEU A 72 -10.37 12.77 6.79
CA LEU A 72 -9.13 12.95 6.06
C LEU A 72 -9.41 13.27 4.60
N ASN A 73 -10.34 12.53 4.00
CA ASN A 73 -10.70 12.65 2.59
C ASN A 73 -12.07 12.02 2.42
N ALA A 74 -12.61 12.09 1.21
CA ALA A 74 -13.92 11.51 0.95
C ALA A 74 -13.82 10.01 0.75
N LEU A 75 -14.87 9.30 1.17
CA LEU A 75 -14.93 7.87 0.90
C LEU A 75 -14.97 7.62 -0.60
N THR A 76 -14.25 6.61 -1.07
CA THR A 76 -14.36 6.12 -2.43
C THR A 76 -14.97 4.73 -2.49
N VAL A 77 -15.38 4.19 -1.34
CA VAL A 77 -16.04 2.90 -1.22
C VAL A 77 -17.27 3.09 -0.34
N PRO A 78 -18.23 2.16 -0.38
CA PRO A 78 -19.34 2.23 0.56
C PRO A 78 -18.83 2.25 2.00
N PRO A 79 -19.52 2.96 2.90
CA PRO A 79 -18.98 3.09 4.27
C PRO A 79 -18.73 1.77 4.98
N GLU A 80 -19.56 0.76 4.71
CA GLU A 80 -19.34 -0.53 5.36
C GLU A 80 -18.02 -1.17 4.95
N VAL A 81 -17.50 -0.83 3.76
CA VAL A 81 -16.25 -1.39 3.29
C VAL A 81 -15.05 -0.82 4.04
N VAL A 82 -15.23 0.29 4.75
CA VAL A 82 -14.15 0.75 5.62
C VAL A 82 -13.84 -0.28 6.69
N ASN A 83 -14.85 -1.07 7.08
CA ASN A 83 -14.69 -2.19 8.00
C ASN A 83 -14.43 -3.52 7.28
N ASN A 84 -13.80 -3.49 6.10
CA ASN A 84 -13.71 -4.67 5.25
C ASN A 84 -13.15 -5.89 5.99
N MET A 85 -11.99 -5.74 6.63
CA MET A 85 -11.37 -6.90 7.27
C MET A 85 -12.21 -7.39 8.44
N GLY A 86 -12.81 -6.47 9.19
CA GLY A 86 -13.77 -6.87 10.22
C GLY A 86 -14.93 -7.66 9.66
N ASN A 87 -15.49 -7.21 8.52
CA ASN A 87 -16.58 -7.96 7.90
C ASN A 87 -16.12 -9.35 7.48
N ILE A 88 -14.91 -9.45 6.93
CA ILE A 88 -14.37 -10.75 6.53
C ILE A 88 -14.21 -11.65 7.73
N ALA A 89 -13.67 -11.11 8.83
CA ALA A 89 -13.50 -11.90 10.04
C ALA A 89 -14.84 -12.35 10.61
N ASP A 90 -15.82 -11.42 10.65
CA ASP A 90 -17.14 -11.76 11.19
C ASP A 90 -17.82 -12.85 10.37
N ALA A 91 -17.51 -12.94 9.08
CA ALA A 91 -18.08 -13.95 8.20
C ALA A 91 -17.38 -15.29 8.32
N GLY A 92 -16.35 -15.39 9.15
CA GLY A 92 -15.58 -16.61 9.29
C GLY A 92 -14.62 -16.88 8.16
N LEU A 93 -14.25 -15.86 7.39
CA LEU A 93 -13.47 -16.02 6.18
C LEU A 93 -12.02 -15.59 6.32
N ARG A 94 -11.61 -15.11 7.48
CA ARG A 94 -10.27 -14.52 7.61
C ARG A 94 -9.18 -15.54 7.29
N LYS A 95 -9.27 -16.74 7.88
CA LYS A 95 -8.21 -17.73 7.69
C LYS A 95 -8.10 -18.12 6.22
N ALA A 96 -9.24 -18.33 5.55
CA ALA A 96 -9.21 -18.73 4.15
C ALA A 96 -8.65 -17.62 3.27
N VAL A 97 -9.05 -16.37 3.53
CA VAL A 97 -8.54 -15.26 2.72
C VAL A 97 -7.04 -15.13 2.90
N MET A 98 -6.57 -15.20 4.15
CA MET A 98 -5.15 -15.03 4.40
C MET A 98 -4.34 -16.17 3.78
N LYS A 99 -4.85 -17.41 3.83
CA LYS A 99 -4.15 -18.53 3.22
C LYS A 99 -4.03 -18.37 1.71
N ALA A 100 -5.04 -17.78 1.06
CA ALA A 100 -5.03 -17.62 -0.38
C ALA A 100 -4.05 -16.55 -0.85
N ILE A 101 -3.63 -15.64 0.03
CA ILE A 101 -2.81 -14.51 -0.39
C ILE A 101 -1.38 -14.61 0.12
N THR A 102 -0.96 -15.77 0.59
CA THR A 102 0.45 -15.95 0.91
C THR A 102 1.23 -16.22 -0.38
N PRO A 103 2.52 -15.93 -0.40
CA PRO A 103 3.34 -16.23 -1.58
C PRO A 103 3.74 -17.70 -1.69
N LYS A 104 3.24 -18.57 -0.81
CA LYS A 104 3.73 -19.93 -0.68
C LYS A 104 2.98 -20.94 -1.53
N ALA A 105 1.91 -20.54 -2.23
CA ALA A 105 1.21 -21.46 -3.11
C ALA A 105 2.19 -22.03 -4.14
N PRO A 106 2.05 -23.31 -4.49
CA PRO A 106 2.98 -23.91 -5.46
C PRO A 106 2.96 -23.18 -6.78
N GLY A 107 4.16 -22.88 -7.29
CA GLY A 107 4.32 -22.21 -8.56
C GLY A 107 4.09 -20.72 -8.56
N LEU A 108 3.69 -20.13 -7.43
CA LEU A 108 3.40 -18.70 -7.41
C LEU A 108 4.68 -17.88 -7.56
N GLU A 109 5.71 -18.20 -6.77
CA GLU A 109 6.97 -17.46 -6.89
C GLU A 109 7.61 -17.66 -8.26
N GLN A 110 7.49 -18.86 -8.85
CA GLN A 110 8.00 -19.06 -10.20
C GLN A 110 7.22 -18.22 -11.20
N PHE A 111 5.90 -18.10 -10.99
CA PHE A 111 5.10 -17.23 -11.85
C PHE A 111 5.58 -15.78 -11.73
N LEU A 112 5.88 -15.33 -10.50
CA LEU A 112 6.40 -13.97 -10.32
C LEU A 112 7.70 -13.77 -11.08
N ARG A 113 8.63 -14.73 -10.93
CA ARG A 113 9.91 -14.63 -11.63
C ARG A 113 9.72 -14.62 -13.14
N ASP A 114 8.92 -15.57 -13.65
CA ASP A 114 8.67 -15.66 -15.08
C ASP A 114 8.05 -14.36 -15.61
N THR A 115 7.08 -13.81 -14.87
CA THR A 115 6.41 -12.61 -15.33
C THR A 115 7.37 -11.43 -15.33
N ALA A 116 8.14 -11.28 -14.25
CA ALA A 116 9.12 -10.19 -14.17
C ALA A 116 10.14 -10.30 -15.28
N ASN A 117 10.65 -11.51 -15.51
CA ASN A 117 11.66 -11.70 -16.57
C ASN A 117 11.09 -11.40 -17.94
N SER A 118 9.84 -11.81 -18.19
CA SER A 118 9.22 -11.51 -19.48
C SER A 118 9.03 -10.01 -19.68
N LEU A 119 8.53 -9.31 -18.66
CA LEU A 119 8.36 -7.86 -18.77
C LEU A 119 9.70 -7.19 -19.04
N LEU A 120 10.75 -7.60 -18.33
CA LEU A 120 12.08 -7.01 -18.55
C LEU A 120 12.62 -7.34 -19.94
N ASP A 121 12.42 -8.58 -20.40
CA ASP A 121 12.88 -8.93 -21.74
C ASP A 121 12.23 -8.03 -22.80
N ASN A 122 10.93 -7.76 -22.65
CA ASN A 122 10.24 -6.91 -23.61
C ASN A 122 10.80 -5.49 -23.60
N LEU A 123 11.14 -4.98 -22.42
CA LEU A 123 11.73 -3.64 -22.34
C LEU A 123 13.10 -3.61 -23.01
N ILE A 124 13.91 -4.63 -22.79
CA ILE A 124 15.22 -4.71 -23.41
C ILE A 124 15.09 -4.76 -24.93
N THR A 125 14.14 -5.55 -25.42
CA THR A 125 13.93 -5.65 -26.86
C THR A 125 13.50 -4.31 -27.45
N GLU A 126 12.63 -3.59 -26.75
CA GLU A 126 12.18 -2.30 -27.24
C GLU A 126 13.29 -1.24 -27.19
N GLY A 127 14.18 -1.34 -26.22
CA GLY A 127 15.27 -0.39 -26.11
C GLY A 127 14.96 0.77 -25.18
N ALA A 128 16.00 1.28 -24.55
CA ALA A 128 15.84 2.38 -23.61
C ALA A 128 15.40 3.65 -24.35
N PRO A 129 14.65 4.54 -23.68
CA PRO A 129 14.22 4.47 -22.27
C PRO A 129 13.02 3.56 -22.05
N ALA A 130 12.95 2.98 -20.85
CA ALA A 130 11.83 2.16 -20.43
C ALA A 130 11.17 2.81 -19.23
N ASP A 131 9.86 2.59 -19.09
CA ASP A 131 9.08 3.14 -17.98
C ASP A 131 8.87 2.01 -16.98
N LEU A 132 9.61 2.04 -15.88
CA LEU A 132 9.53 0.96 -14.91
C LEU A 132 8.26 0.96 -14.08
N ARG A 133 7.46 2.03 -14.09
CA ARG A 133 6.17 1.91 -13.42
C ARG A 133 5.14 1.29 -14.35
N ASN A 134 4.85 1.95 -15.46
CA ASN A 134 3.74 1.52 -16.29
C ASN A 134 4.05 0.22 -17.03
N ASP A 135 5.32 -0.07 -17.28
CA ASP A 135 5.68 -1.23 -18.08
C ASP A 135 6.49 -2.26 -17.30
N PHE A 136 6.59 -2.11 -15.98
CA PHE A 136 7.19 -3.16 -15.15
C PHE A 136 6.46 -3.36 -13.83
N ALA A 137 6.57 -2.40 -12.91
CA ALA A 137 6.11 -2.64 -11.55
C ALA A 137 4.61 -2.84 -11.48
N ASP A 138 3.83 -1.99 -12.16
CA ASP A 138 2.37 -2.12 -12.11
C ASP A 138 1.89 -3.36 -12.85
N PRO A 139 2.35 -3.67 -14.08
CA PRO A 139 1.93 -4.93 -14.71
C PRO A 139 2.32 -6.14 -13.87
N LEU A 140 3.47 -6.09 -13.21
CA LEU A 140 3.86 -7.21 -12.36
C LEU A 140 2.91 -7.36 -11.19
N ALA A 141 2.54 -6.24 -10.55
CA ALA A 141 1.54 -6.30 -9.49
C ALA A 141 0.20 -6.80 -10.01
N THR A 142 -0.24 -6.30 -11.17
CA THR A 142 -1.52 -6.71 -11.73
C THR A 142 -1.54 -8.20 -12.05
N ALA A 143 -0.49 -8.69 -12.73
CA ALA A 143 -0.41 -10.10 -13.07
C ALA A 143 -0.40 -10.96 -11.82
N LEU A 144 0.36 -10.54 -10.80
CA LEU A 144 0.42 -11.30 -9.55
C LEU A 144 -0.96 -11.43 -8.93
N HIS A 145 -1.72 -10.34 -8.90
CA HIS A 145 -2.99 -10.37 -8.22
C HIS A 145 -4.06 -11.11 -9.01
N CYS A 146 -3.99 -11.09 -10.35
CA CYS A 146 -4.89 -11.95 -11.11
C CYS A 146 -4.60 -13.40 -10.79
N LYS A 147 -3.31 -13.78 -10.72
CA LYS A 147 -2.94 -15.14 -10.36
C LYS A 147 -3.43 -15.50 -8.96
N VAL A 148 -3.17 -14.63 -7.98
CA VAL A 148 -3.58 -14.88 -6.61
C VAL A 148 -5.09 -15.00 -6.50
N LEU A 149 -5.83 -14.19 -7.27
CA LEU A 149 -7.29 -14.24 -7.21
C LEU A 149 -7.87 -15.40 -8.02
N GLY A 150 -7.12 -15.95 -8.96
CA GLY A 150 -7.65 -16.99 -9.82
C GLY A 150 -8.43 -16.48 -11.01
N ILE A 151 -8.26 -15.22 -11.38
CA ILE A 151 -9.02 -14.60 -12.46
C ILE A 151 -8.16 -14.48 -13.72
N PRO A 152 -8.78 -14.37 -14.90
CA PRO A 152 -7.97 -14.33 -16.14
C PRO A 152 -7.01 -13.14 -16.18
N GLN A 153 -5.79 -13.42 -16.63
CA GLN A 153 -4.79 -12.37 -16.77
C GLN A 153 -5.30 -11.23 -17.66
N GLU A 154 -6.07 -11.57 -18.70
CA GLU A 154 -6.55 -10.55 -19.63
C GLU A 154 -7.54 -9.59 -19.00
N ASP A 155 -8.12 -9.93 -17.85
CA ASP A 155 -9.04 -9.06 -17.14
C ASP A 155 -8.33 -8.06 -16.25
N GLY A 156 -7.04 -8.26 -15.99
CA GLY A 156 -6.28 -7.41 -15.10
C GLY A 156 -6.20 -5.94 -15.50
N PRO A 157 -5.85 -5.64 -16.75
CA PRO A 157 -5.65 -4.22 -17.11
C PRO A 157 -6.85 -3.33 -16.86
N LYS A 158 -8.07 -3.76 -17.21
CA LYS A 158 -9.24 -2.92 -16.97
C LYS A 158 -9.49 -2.74 -15.47
N LEU A 159 -9.36 -3.82 -14.70
CA LEU A 159 -9.49 -3.69 -13.25
C LEU A 159 -8.44 -2.73 -12.70
N PHE A 160 -7.22 -2.81 -13.22
CA PHE A 160 -6.16 -1.92 -12.78
C PHE A 160 -6.48 -0.46 -13.08
N ARG A 161 -7.13 -0.19 -14.20
CA ARG A 161 -7.39 1.20 -14.58
C ARG A 161 -8.41 1.88 -13.68
N SER A 162 -9.17 1.13 -12.88
CA SER A 162 -10.01 1.75 -11.86
C SER A 162 -9.17 2.45 -10.80
N LEU A 163 -7.90 2.08 -10.65
CA LEU A 163 -7.18 2.40 -9.42
C LEU A 163 -6.71 3.85 -9.35
N SER A 164 -6.46 4.50 -10.49
CA SER A 164 -6.05 5.90 -10.47
C SER A 164 -7.13 6.81 -9.94
N ILE A 165 -8.37 6.31 -9.84
CA ILE A 165 -9.48 7.03 -9.26
C ILE A 165 -9.87 6.43 -7.90
N ALA A 166 -9.86 5.11 -7.78
CA ALA A 166 -10.31 4.45 -6.55
C ALA A 166 -9.45 4.84 -5.36
N PHE A 167 -8.16 5.07 -5.59
CA PHE A 167 -7.24 5.43 -4.53
C PHE A 167 -6.93 6.93 -4.49
N MET A 168 -7.80 7.75 -5.09
CA MET A 168 -7.68 9.18 -4.91
C MET A 168 -7.91 9.55 -3.45
N SER A 169 -7.27 10.64 -3.04
CA SER A 169 -7.43 11.22 -1.71
C SER A 169 -8.00 12.61 -1.96
N SER A 170 -9.33 12.71 -1.98
CA SER A 170 -10.07 13.83 -2.51
C SER A 170 -10.83 14.52 -1.39
N ALA A 171 -11.02 15.84 -1.53
CA ALA A 171 -11.86 16.54 -0.56
C ALA A 171 -13.33 16.16 -0.69
N ASP A 172 -13.75 15.68 -1.86
CA ASP A 172 -15.16 15.49 -2.18
C ASP A 172 -15.39 14.13 -2.80
N PRO A 173 -16.62 13.60 -2.70
CA PRO A 173 -16.93 12.34 -3.36
C PRO A 173 -16.61 12.39 -4.86
N ILE A 174 -16.27 11.23 -5.41
CA ILE A 174 -15.78 11.11 -6.77
C ILE A 174 -16.76 10.28 -7.59
N PRO A 175 -17.53 10.89 -8.49
CA PRO A 175 -18.52 10.11 -9.25
C PRO A 175 -17.93 8.93 -10.00
N ALA A 176 -16.76 9.09 -10.61
CA ALA A 176 -16.15 7.97 -11.32
C ALA A 176 -15.82 6.81 -10.39
N ALA A 177 -15.52 7.08 -9.12
CA ALA A 177 -15.21 5.99 -8.20
C ALA A 177 -16.40 5.06 -8.04
N LYS A 178 -17.61 5.61 -7.97
CA LYS A 178 -18.80 4.77 -7.86
C LYS A 178 -19.06 4.01 -9.15
N ILE A 179 -18.89 4.66 -10.30
CA ILE A 179 -19.09 3.96 -11.57
C ILE A 179 -18.18 2.73 -11.64
N ASN A 180 -16.88 2.94 -11.39
CA ASN A 180 -15.93 1.83 -11.47
C ASN A 180 -16.19 0.79 -10.38
N TRP A 181 -16.52 1.23 -9.16
CA TRP A 181 -16.79 0.30 -8.07
C TRP A 181 -17.95 -0.63 -8.42
N ASP A 182 -19.07 -0.06 -8.86
CA ASP A 182 -20.23 -0.89 -9.17
C ASP A 182 -19.93 -1.86 -10.30
N ARG A 183 -19.18 -1.41 -11.32
CA ARG A 183 -18.83 -2.28 -12.43
C ARG A 183 -17.87 -3.39 -11.98
N ASP A 184 -16.90 -3.05 -11.14
CA ASP A 184 -15.94 -4.05 -10.69
C ASP A 184 -16.59 -5.07 -9.76
N ILE A 185 -17.54 -4.62 -8.93
CA ILE A 185 -18.32 -5.54 -8.11
C ILE A 185 -19.11 -6.50 -8.99
N GLU A 186 -19.75 -5.97 -10.05
CA GLU A 186 -20.48 -6.84 -10.97
C GLU A 186 -19.57 -7.86 -11.61
N TYR A 187 -18.35 -7.46 -11.95
CA TYR A 187 -17.39 -8.40 -12.52
C TYR A 187 -17.07 -9.51 -11.54
N MET A 188 -16.77 -9.16 -10.28
CA MET A 188 -16.44 -10.18 -9.29
C MET A 188 -17.64 -11.05 -8.97
N ALA A 189 -18.85 -10.48 -8.99
CA ALA A 189 -20.04 -11.32 -8.82
C ALA A 189 -20.15 -12.33 -9.94
N GLY A 190 -19.83 -11.92 -11.16
CA GLY A 190 -19.81 -12.85 -12.27
C GLY A 190 -18.75 -13.91 -12.12
N ILE A 191 -17.59 -13.53 -11.58
CA ILE A 191 -16.51 -14.49 -11.33
C ILE A 191 -16.99 -15.60 -10.39
N LEU A 192 -17.76 -15.23 -9.35
CA LEU A 192 -18.25 -16.22 -8.41
C LEU A 192 -19.19 -17.21 -9.08
N GLU A 193 -19.91 -16.79 -10.10
CA GLU A 193 -20.81 -17.66 -10.85
C GLU A 193 -20.14 -18.37 -12.01
N ASN A 194 -18.87 -18.06 -12.28
CA ASN A 194 -18.18 -18.58 -13.45
C ASN A 194 -17.57 -19.94 -13.12
N PRO A 195 -18.00 -21.03 -13.76
CA PRO A 195 -17.49 -22.36 -13.39
C PRO A 195 -16.02 -22.56 -13.67
N ASN A 196 -15.41 -21.76 -14.53
CA ASN A 196 -13.98 -21.91 -14.80
C ASN A 196 -13.12 -21.36 -13.68
N ILE A 197 -13.68 -20.62 -12.73
CA ILE A 197 -12.90 -19.98 -11.67
C ILE A 197 -12.87 -20.93 -10.49
N THR A 198 -11.82 -21.74 -10.43
CA THR A 198 -11.67 -22.78 -9.43
C THR A 198 -10.38 -22.69 -8.63
N THR A 199 -9.50 -21.73 -8.95
CA THR A 199 -8.25 -21.58 -8.24
C THR A 199 -8.17 -20.22 -7.58
N GLY A 200 -7.15 -20.05 -6.74
CA GLY A 200 -6.90 -18.78 -6.11
C GLY A 200 -7.98 -18.38 -5.12
N LEU A 201 -7.91 -17.10 -4.74
CA LEU A 201 -8.84 -16.56 -3.74
C LEU A 201 -10.29 -16.65 -4.23
N MET A 202 -10.53 -16.28 -5.49
CA MET A 202 -11.92 -16.32 -5.96
C MET A 202 -12.41 -17.75 -6.14
N GLY A 203 -11.55 -18.68 -6.54
CA GLY A 203 -11.95 -20.07 -6.57
C GLY A 203 -12.36 -20.59 -5.21
N GLU A 204 -11.61 -20.21 -4.17
CA GLU A 204 -11.94 -20.66 -2.82
C GLU A 204 -13.21 -20.01 -2.30
N LEU A 205 -13.36 -18.69 -2.51
CA LEU A 205 -14.60 -18.04 -2.10
C LEU A 205 -15.79 -18.62 -2.83
N SER A 206 -15.61 -19.00 -4.10
CA SER A 206 -16.70 -19.56 -4.87
C SER A 206 -17.19 -20.87 -4.26
N ARG A 207 -16.26 -21.70 -3.78
CA ARG A 207 -16.65 -22.94 -3.12
C ARG A 207 -17.25 -22.68 -1.75
N LEU A 208 -16.63 -21.80 -0.96
CA LEU A 208 -17.18 -21.51 0.37
C LEU A 208 -18.59 -20.95 0.28
N ARG A 209 -18.87 -20.16 -0.76
CA ARG A 209 -20.19 -19.57 -0.96
C ARG A 209 -21.28 -20.63 -1.06
N LYS A 210 -20.95 -21.81 -1.59
CA LYS A 210 -21.92 -22.90 -1.74
C LYS A 210 -21.83 -23.92 -0.61
N ASP A 211 -20.95 -23.70 0.35
CA ASP A 211 -20.77 -24.55 1.52
C ASP A 211 -21.83 -24.17 2.56
N PRO A 212 -22.56 -25.13 3.12
CA PRO A 212 -23.64 -24.76 4.05
C PRO A 212 -23.16 -24.01 5.28
N ALA A 213 -21.89 -24.15 5.66
CA ALA A 213 -21.37 -23.40 6.79
C ALA A 213 -21.22 -21.91 6.51
N TYR A 214 -21.43 -21.47 5.26
CA TYR A 214 -21.31 -20.07 4.87
C TYR A 214 -22.55 -19.59 4.11
N SER A 215 -23.67 -20.29 4.23
CA SER A 215 -24.87 -19.94 3.48
C SER A 215 -25.40 -18.58 3.87
N HIS A 216 -25.03 -18.10 5.05
CA HIS A 216 -25.46 -16.81 5.60
C HIS A 216 -24.60 -15.64 5.16
N VAL A 217 -23.44 -15.90 4.55
CA VAL A 217 -22.56 -14.81 4.12
C VAL A 217 -23.11 -14.19 2.85
N SER A 218 -23.11 -12.87 2.78
CA SER A 218 -23.75 -12.20 1.67
C SER A 218 -22.92 -12.30 0.39
N ASP A 219 -23.61 -12.41 -0.74
CA ASP A 219 -22.93 -12.34 -2.03
C ASP A 219 -22.23 -11.01 -2.20
N GLU A 220 -22.77 -9.96 -1.58
CA GLU A 220 -22.14 -8.65 -1.60
C GLU A 220 -20.74 -8.74 -1.03
N LEU A 221 -20.58 -9.41 0.11
CA LEU A 221 -19.26 -9.52 0.74
C LEU A 221 -18.30 -10.32 -0.12
N PHE A 222 -18.75 -11.44 -0.69
CA PHE A 222 -17.84 -12.24 -1.51
C PHE A 222 -17.27 -11.43 -2.67
N ALA A 223 -18.12 -10.68 -3.37
CA ALA A 223 -17.65 -9.85 -4.48
C ALA A 223 -16.74 -8.74 -4.00
N THR A 224 -17.07 -8.15 -2.84
CA THR A 224 -16.27 -7.07 -2.28
C THR A 224 -14.87 -7.53 -1.93
N ILE A 225 -14.73 -8.76 -1.41
CA ILE A 225 -13.39 -9.27 -1.10
C ILE A 225 -12.54 -9.27 -2.35
N GLY A 226 -13.10 -9.71 -3.48
CA GLY A 226 -12.34 -9.70 -4.72
C GLY A 226 -11.92 -8.31 -5.15
N VAL A 227 -12.86 -7.36 -5.15
CA VAL A 227 -12.52 -6.00 -5.61
C VAL A 227 -11.50 -5.36 -4.69
N THR A 228 -11.70 -5.50 -3.37
CA THR A 228 -10.85 -4.81 -2.41
C THR A 228 -9.46 -5.42 -2.34
N PHE A 229 -9.35 -6.76 -2.41
CA PHE A 229 -8.03 -7.34 -2.33
C PHE A 229 -7.24 -7.12 -3.61
N PHE A 230 -7.91 -7.14 -4.76
CA PHE A 230 -7.24 -6.71 -5.99
C PHE A 230 -6.74 -5.28 -5.86
N GLY A 231 -7.63 -4.37 -5.46
CA GLY A 231 -7.27 -2.96 -5.48
C GLY A 231 -6.20 -2.60 -4.47
N ALA A 232 -6.41 -2.99 -3.21
CA ALA A 232 -5.43 -2.69 -2.18
C ALA A 232 -4.09 -3.36 -2.47
N GLY A 233 -4.14 -4.63 -2.91
CA GLY A 233 -2.90 -5.33 -3.18
C GLY A 233 -2.14 -4.74 -4.36
N VAL A 234 -2.85 -4.48 -5.46
CA VAL A 234 -2.19 -3.97 -6.66
C VAL A 234 -1.66 -2.55 -6.43
N ILE A 235 -2.47 -1.66 -5.84
CA ILE A 235 -1.98 -0.30 -5.64
C ILE A 235 -0.81 -0.29 -4.66
N SER A 236 -0.82 -1.18 -3.67
CA SER A 236 0.18 -1.10 -2.62
C SER A 236 1.50 -1.73 -3.09
N THR A 237 1.42 -2.90 -3.73
CA THR A 237 2.63 -3.53 -4.23
C THR A 237 3.21 -2.75 -5.42
N GLY A 238 2.37 -2.31 -6.33
CA GLY A 238 2.89 -1.57 -7.48
C GLY A 238 3.55 -0.27 -7.07
N SER A 239 2.89 0.48 -6.18
CA SER A 239 3.45 1.75 -5.73
C SER A 239 4.69 1.55 -4.88
N PHE A 240 4.70 0.54 -3.99
CA PHE A 240 5.90 0.32 -3.20
C PHE A 240 7.07 -0.08 -4.08
N LEU A 241 6.87 -1.05 -4.98
CA LEU A 241 7.98 -1.46 -5.83
C LEU A 241 8.51 -0.29 -6.66
N THR A 242 7.61 0.53 -7.21
CA THR A 242 8.04 1.65 -8.03
C THR A 242 8.93 2.61 -7.24
N THR A 243 8.50 2.99 -6.04
CA THR A 243 9.30 3.93 -5.27
C THR A 243 10.54 3.27 -4.67
N ALA A 244 10.48 1.97 -4.36
CA ALA A 244 11.68 1.27 -3.92
C ALA A 244 12.73 1.22 -5.03
N LEU A 245 12.29 1.06 -6.28
CA LEU A 245 13.22 1.07 -7.40
C LEU A 245 13.93 2.42 -7.52
N ILE A 246 13.21 3.51 -7.27
CA ILE A 246 13.87 4.82 -7.24
C ILE A 246 14.91 4.88 -6.13
N SER A 247 14.52 4.45 -4.92
CA SER A 247 15.46 4.45 -3.80
C SER A 247 16.71 3.64 -4.12
N LEU A 248 16.54 2.51 -4.81
CA LEU A 248 17.66 1.65 -5.13
C LEU A 248 18.50 2.24 -6.25
N ILE A 249 17.85 2.78 -7.29
CA ILE A 249 18.58 3.36 -8.40
C ILE A 249 19.44 4.53 -7.94
N GLN A 250 18.93 5.31 -6.98
CA GLN A 250 19.66 6.45 -6.44
C GLN A 250 20.76 6.06 -5.47
N ARG A 251 20.98 4.76 -5.25
CA ARG A 251 22.02 4.25 -4.36
C ARG A 251 22.80 3.20 -5.13
N PRO A 252 23.66 3.60 -6.06
CA PRO A 252 24.36 2.61 -6.88
C PRO A 252 25.20 1.63 -6.09
N GLN A 253 25.77 2.07 -4.95
CA GLN A 253 26.54 1.18 -4.09
C GLN A 253 25.67 0.04 -3.56
N LEU A 254 24.47 0.38 -3.08
CA LEU A 254 23.53 -0.65 -2.65
C LEU A 254 23.06 -1.50 -3.83
N ARG A 255 22.73 -0.85 -4.95
CA ARG A 255 22.34 -1.59 -6.15
C ARG A 255 23.40 -2.61 -6.53
N ASN A 256 24.67 -2.19 -6.52
CA ASN A 256 25.76 -3.11 -6.88
C ASN A 256 25.92 -4.21 -5.84
N LEU A 257 25.82 -3.87 -4.56
CA LEU A 257 25.92 -4.88 -3.51
C LEU A 257 24.83 -5.93 -3.64
N LEU A 258 23.59 -5.50 -3.85
CA LEU A 258 22.50 -6.46 -4.04
C LEU A 258 22.65 -7.26 -5.32
N HIS A 259 23.23 -6.64 -6.36
CA HIS A 259 23.49 -7.38 -7.58
C HIS A 259 24.53 -8.47 -7.35
N GLU A 260 25.58 -8.15 -6.61
CA GLU A 260 26.66 -9.10 -6.37
C GLU A 260 26.27 -10.17 -5.37
N LYS A 261 25.43 -9.83 -4.38
CA LYS A 261 25.03 -10.75 -3.31
C LYS A 261 23.51 -10.74 -3.20
N PRO A 262 22.81 -11.40 -4.12
CA PRO A 262 21.34 -11.36 -4.11
C PRO A 262 20.72 -11.96 -2.88
N GLU A 263 21.47 -12.73 -2.07
CA GLU A 263 20.92 -13.24 -0.83
C GLU A 263 20.66 -12.12 0.18
N LEU A 264 21.22 -10.94 -0.05
CA LEU A 264 20.94 -9.77 0.78
C LEU A 264 19.67 -9.04 0.36
N ILE A 265 19.02 -9.46 -0.72
CA ILE A 265 17.83 -8.75 -1.19
C ILE A 265 16.72 -8.67 -0.14
N PRO A 266 16.39 -9.75 0.58
CA PRO A 266 15.34 -9.60 1.62
C PRO A 266 15.67 -8.54 2.65
N ALA A 267 16.90 -8.49 3.15
CA ALA A 267 17.26 -7.44 4.09
C ALA A 267 17.22 -6.07 3.43
N GLY A 268 17.64 -6.00 2.16
CA GLY A 268 17.54 -4.74 1.44
C GLY A 268 16.09 -4.27 1.28
N VAL A 269 15.21 -5.18 0.86
CA VAL A 269 13.79 -4.84 0.70
C VAL A 269 13.18 -4.44 2.03
N GLU A 270 13.59 -5.07 3.13
CA GLU A 270 13.07 -4.65 4.43
C GLU A 270 13.45 -3.22 4.76
N GLU A 271 14.68 -2.80 4.44
CA GLU A 271 15.06 -1.40 4.62
C GLU A 271 14.33 -0.50 3.63
N LEU A 272 14.13 -0.97 2.41
CA LEU A 272 13.39 -0.17 1.44
C LEU A 272 11.95 0.02 1.88
N LEU A 273 11.36 -1.00 2.52
CA LEU A 273 10.05 -0.84 3.15
C LEU A 273 10.11 0.19 4.26
N ARG A 274 11.12 0.09 5.14
CA ARG A 274 11.22 1.04 6.25
C ARG A 274 11.26 2.48 5.78
N ILE A 275 12.04 2.79 4.73
CA ILE A 275 12.20 4.17 4.30
C ILE A 275 11.17 4.58 3.26
N ASN A 276 10.21 3.71 2.97
CA ASN A 276 9.30 3.96 1.85
C ASN A 276 8.31 5.07 2.17
N LEU A 277 8.09 5.94 1.19
CA LEU A 277 7.15 7.05 1.29
C LEU A 277 5.88 6.81 0.50
N SER A 278 5.54 5.55 0.21
CA SER A 278 4.41 5.26 -0.67
C SER A 278 3.08 5.74 -0.10
N PHE A 279 2.86 5.65 1.21
CA PHE A 279 1.60 6.13 1.78
C PHE A 279 1.61 7.64 1.84
N ALA A 280 0.68 8.26 1.10
CA ALA A 280 0.65 9.71 0.94
C ALA A 280 0.02 10.43 2.13
N ASP A 281 -0.79 9.76 2.92
CA ASP A 281 -1.49 10.34 4.05
C ASP A 281 -1.21 9.49 5.27
N GLY A 282 -1.32 10.10 6.46
CA GLY A 282 -1.35 9.30 7.68
C GLY A 282 -2.47 8.29 7.64
N LEU A 283 -2.29 7.20 8.38
CA LEU A 283 -3.38 6.23 8.52
C LEU A 283 -4.44 6.83 9.43
N PRO A 284 -5.70 6.90 8.99
CA PRO A 284 -6.73 7.57 9.80
C PRO A 284 -7.39 6.66 10.83
N ARG A 285 -7.70 7.26 11.97
CA ARG A 285 -8.43 6.60 13.05
C ARG A 285 -9.32 7.65 13.71
N LEU A 286 -10.49 7.22 14.20
CA LEU A 286 -11.39 8.11 14.94
C LEU A 286 -11.40 7.68 16.40
N ALA A 287 -11.14 8.62 17.30
CA ALA A 287 -11.19 8.31 18.72
C ALA A 287 -12.60 7.98 19.16
N THR A 288 -12.77 6.87 19.89
CA THR A 288 -14.05 6.49 20.45
C THR A 288 -14.13 6.76 21.95
N ALA A 289 -13.12 7.39 22.51
CA ALA A 289 -13.05 7.77 23.92
C ALA A 289 -12.05 8.91 24.02
N ASP A 290 -11.98 9.53 25.19
CA ASP A 290 -10.94 10.51 25.47
C ASP A 290 -9.66 9.77 25.86
N ILE A 291 -8.59 9.97 25.10
CA ILE A 291 -7.37 9.16 25.24
C ILE A 291 -6.16 10.08 25.23
N GLN A 292 -5.29 9.94 26.24
CA GLN A 292 -4.08 10.74 26.32
C GLN A 292 -3.02 10.16 25.37
N VAL A 293 -2.51 11.00 24.46
CA VAL A 293 -1.45 10.64 23.53
C VAL A 293 -0.38 11.70 23.69
N GLY A 294 0.73 11.33 24.33
CA GLY A 294 1.74 12.34 24.63
C GLY A 294 1.13 13.48 25.44
N ASP A 295 1.40 14.71 25.00
CA ASP A 295 0.91 15.91 25.68
C ASP A 295 -0.53 16.27 25.35
N VAL A 296 -1.22 15.49 24.52
CA VAL A 296 -2.55 15.86 24.03
C VAL A 296 -3.57 14.86 24.55
N LEU A 297 -4.66 15.38 25.11
CA LEU A 297 -5.82 14.55 25.42
C LEU A 297 -6.72 14.57 24.19
N VAL A 298 -6.66 13.50 23.39
CA VAL A 298 -7.52 13.41 22.21
C VAL A 298 -8.95 13.17 22.66
N ARG A 299 -9.89 13.93 22.12
CA ARG A 299 -11.29 13.83 22.51
C ARG A 299 -12.03 12.82 21.64
N LYS A 300 -13.02 12.16 22.25
CA LYS A 300 -13.92 11.30 21.51
C LYS A 300 -14.47 12.03 20.28
N GLY A 301 -14.44 11.35 19.14
CA GLY A 301 -14.91 11.90 17.89
C GLY A 301 -13.86 12.63 17.06
N GLU A 302 -12.65 12.79 17.56
CA GLU A 302 -11.61 13.48 16.80
C GLU A 302 -10.84 12.52 15.91
N LEU A 303 -10.31 13.07 14.81
CA LEU A 303 -9.56 12.30 13.83
C LEU A 303 -8.08 12.34 14.17
N VAL A 304 -7.45 11.17 14.12
CA VAL A 304 -6.02 11.01 14.35
C VAL A 304 -5.40 10.42 13.09
N LEU A 305 -4.25 10.96 12.70
CA LEU A 305 -3.53 10.54 11.50
C LEU A 305 -2.16 10.02 11.92
N VAL A 306 -1.89 8.74 11.63
CA VAL A 306 -0.64 8.10 12.02
C VAL A 306 0.32 8.18 10.84
N LEU A 307 1.35 9.04 10.98
CA LEU A 307 2.28 9.30 9.88
C LEU A 307 3.35 8.21 9.85
N LEU A 308 3.25 7.32 8.87
CA LEU A 308 4.13 6.15 8.85
C LEU A 308 5.60 6.56 8.75
N GLU A 309 5.91 7.57 7.92
CA GLU A 309 7.29 8.01 7.82
C GLU A 309 7.75 8.78 9.06
N GLY A 310 6.82 9.35 9.81
CA GLY A 310 7.18 9.84 11.13
C GLY A 310 7.77 8.73 11.99
N ALA A 311 7.06 7.62 12.09
CA ALA A 311 7.56 6.50 12.88
C ALA A 311 8.83 5.91 12.28
N ASN A 312 8.82 5.70 10.96
CA ASN A 312 9.87 4.91 10.32
C ASN A 312 11.19 5.65 10.18
N PHE A 313 11.17 6.97 10.26
CA PHE A 313 12.40 7.79 10.23
C PHE A 313 12.72 8.34 11.61
N ASP A 314 12.12 7.79 12.67
CA ASP A 314 12.36 8.30 14.01
C ASP A 314 13.72 7.83 14.50
N PRO A 315 14.68 8.74 14.74
CA PRO A 315 16.04 8.30 15.12
C PRO A 315 16.10 7.65 16.48
N GLU A 316 15.09 7.86 17.33
CA GLU A 316 15.07 7.19 18.63
C GLU A 316 14.76 5.72 18.51
N HIS A 317 14.18 5.29 17.38
CA HIS A 317 13.94 3.88 17.10
C HIS A 317 14.86 3.29 16.04
N PHE A 318 15.21 4.07 15.02
CA PHE A 318 16.05 3.63 13.92
C PHE A 318 17.19 4.63 13.79
N PRO A 319 18.30 4.41 14.51
CA PRO A 319 19.41 5.37 14.44
C PRO A 319 19.94 5.51 13.02
N ASN A 320 20.36 6.73 12.69
CA ASN A 320 20.68 7.12 11.33
C ASN A 320 19.53 6.72 10.39
N PRO A 321 18.34 7.30 10.59
CA PRO A 321 17.14 6.74 9.96
C PRO A 321 17.11 6.87 8.45
N GLY A 322 17.81 7.86 7.88
CA GLY A 322 17.83 8.00 6.44
C GLY A 322 18.75 7.04 5.72
N SER A 323 19.53 6.26 6.46
CA SER A 323 20.53 5.37 5.88
C SER A 323 19.98 3.94 5.80
N ILE A 324 20.23 3.28 4.68
CA ILE A 324 19.84 1.88 4.52
C ILE A 324 20.94 1.02 5.14
N GLU A 325 20.62 0.37 6.25
CA GLU A 325 21.56 -0.48 6.97
C GLU A 325 21.01 -1.89 6.97
N LEU A 326 21.77 -2.82 6.41
CA LEU A 326 21.29 -4.18 6.27
C LEU A 326 21.47 -5.01 7.53
N ASP A 327 22.05 -4.44 8.58
CA ASP A 327 22.34 -5.17 9.81
C ASP A 327 21.74 -4.47 11.02
N ARG A 328 20.55 -3.90 10.87
CA ARG A 328 19.87 -3.31 12.02
C ARG A 328 19.41 -4.42 12.96
N PRO A 329 19.37 -4.15 14.26
CA PRO A 329 18.89 -5.17 15.21
C PRO A 329 17.38 -5.31 15.25
N ASN A 330 16.64 -4.35 14.67
CA ASN A 330 15.18 -4.35 14.73
C ASN A 330 14.59 -4.15 13.33
N PRO A 331 15.00 -4.95 12.34
CA PRO A 331 14.76 -4.57 10.95
C PRO A 331 13.31 -4.63 10.50
N THR A 332 12.49 -5.50 11.06
CA THR A 332 11.09 -5.59 10.65
C THR A 332 10.16 -4.81 11.56
N SER A 333 10.69 -4.08 12.53
CA SER A 333 9.85 -3.36 13.49
C SER A 333 9.33 -2.03 12.94
N HIS A 334 9.55 -1.74 11.65
CA HIS A 334 8.97 -0.56 11.04
C HIS A 334 7.46 -0.74 10.91
N LEU A 335 6.78 0.35 10.55
CA LEU A 335 5.33 0.38 10.42
C LEU A 335 4.85 0.41 8.97
N ALA A 336 5.69 -0.04 8.02
CA ALA A 336 5.30 0.00 6.62
C ALA A 336 4.05 -0.82 6.33
N PHE A 337 3.80 -1.87 7.10
CA PHE A 337 2.60 -2.70 6.98
C PHE A 337 1.59 -2.41 8.08
N GLY A 338 1.74 -1.29 8.78
CA GLY A 338 0.88 -1.02 9.91
C GLY A 338 1.30 -1.78 11.15
N ARG A 339 0.36 -1.89 12.09
CA ARG A 339 0.63 -2.48 13.39
C ARG A 339 -0.72 -2.67 14.08
N GLY A 340 -0.86 -3.78 14.81
CA GLY A 340 -2.05 -4.00 15.60
C GLY A 340 -3.17 -4.68 14.84
N GLN A 341 -4.40 -4.29 15.17
CA GLN A 341 -5.58 -4.97 14.64
C GLN A 341 -5.59 -4.99 13.11
N HIS A 342 -5.12 -3.92 12.47
CA HIS A 342 -5.23 -3.77 11.03
C HIS A 342 -3.94 -4.06 10.29
N PHE A 343 -3.01 -4.77 10.91
CA PHE A 343 -1.75 -5.11 10.27
C PHE A 343 -2.01 -5.80 8.93
N CYS A 344 -1.26 -5.38 7.92
CA CYS A 344 -1.51 -5.81 6.55
C CYS A 344 -1.57 -7.33 6.44
N PRO A 345 -2.66 -7.90 5.91
CA PRO A 345 -2.73 -9.35 5.73
C PRO A 345 -1.95 -9.84 4.52
N GLY A 346 -1.45 -8.93 3.70
CA GLY A 346 -0.70 -9.33 2.52
C GLY A 346 0.78 -9.04 2.62
N SER A 347 1.31 -8.90 3.85
CA SER A 347 2.69 -8.45 4.02
C SER A 347 3.68 -9.42 3.37
N ALA A 348 3.47 -10.74 3.51
CA ALA A 348 4.41 -11.68 2.92
C ALA A 348 4.39 -11.62 1.40
N LEU A 349 3.21 -11.46 0.81
CA LEU A 349 3.10 -11.35 -0.63
C LEU A 349 3.73 -10.05 -1.13
N GLY A 350 3.53 -8.96 -0.39
CA GLY A 350 4.15 -7.71 -0.78
C GLY A 350 5.66 -7.77 -0.74
N ARG A 351 6.22 -8.40 0.31
CA ARG A 351 7.66 -8.58 0.38
C ARG A 351 8.16 -9.40 -0.81
N ARG A 352 7.50 -10.50 -1.12
CA ARG A 352 7.97 -11.38 -2.18
C ARG A 352 7.86 -10.71 -3.55
N HIS A 353 6.77 -9.97 -3.77
CA HIS A 353 6.63 -9.23 -5.03
C HIS A 353 7.81 -8.30 -5.24
N ALA A 354 8.18 -7.53 -4.22
CA ALA A 354 9.28 -6.58 -4.33
C ALA A 354 10.62 -7.31 -4.45
N GLN A 355 10.83 -8.36 -3.66
CA GLN A 355 12.10 -9.09 -3.70
C GLN A 355 12.32 -9.69 -5.08
N ILE A 356 11.32 -10.37 -5.62
CA ILE A 356 11.46 -11.02 -6.92
C ILE A 356 11.58 -9.99 -8.03
N GLY A 357 10.80 -8.92 -7.96
CA GLY A 357 10.93 -7.87 -8.97
C GLY A 357 12.31 -7.25 -8.99
N ILE A 358 12.86 -6.98 -7.81
CA ILE A 358 14.21 -6.41 -7.72
C ILE A 358 15.26 -7.42 -8.15
N GLU A 359 15.12 -8.68 -7.72
CA GLU A 359 16.07 -9.71 -8.12
C GLU A 359 16.13 -9.83 -9.63
N ALA A 360 14.97 -9.84 -10.29
CA ALA A 360 14.94 -9.96 -11.73
C ALA A 360 15.52 -8.72 -12.40
N LEU A 361 15.19 -7.53 -11.89
CA LEU A 361 15.69 -6.29 -12.49
C LEU A 361 17.21 -6.25 -12.43
N LEU A 362 17.78 -6.58 -11.28
CA LEU A 362 19.23 -6.49 -11.13
C LEU A 362 19.96 -7.51 -11.99
N LYS A 363 19.34 -8.67 -12.24
CA LYS A 363 19.95 -9.65 -13.13
C LYS A 363 19.89 -9.20 -14.59
N LYS A 364 18.73 -8.69 -15.01
CA LYS A 364 18.52 -8.32 -16.41
C LYS A 364 19.12 -6.96 -16.75
N MET A 365 19.09 -6.02 -15.80
CA MET A 365 19.53 -4.64 -16.03
C MET A 365 20.50 -4.22 -14.93
N PRO A 366 21.67 -4.85 -14.85
CA PRO A 366 22.60 -4.48 -13.79
C PRO A 366 23.03 -3.03 -13.84
N GLY A 367 22.97 -2.39 -15.01
CA GLY A 367 23.36 -1.00 -15.11
C GLY A 367 22.19 -0.02 -15.06
N VAL A 368 21.06 -0.45 -14.49
CA VAL A 368 19.86 0.39 -14.48
C VAL A 368 20.16 1.73 -13.79
N ASP A 369 19.63 2.79 -14.39
CA ASP A 369 19.80 4.15 -13.89
C ASP A 369 18.63 4.97 -14.42
N LEU A 370 18.33 6.05 -13.72
CA LEU A 370 17.33 6.99 -14.23
C LEU A 370 17.78 7.54 -15.58
N ALA A 371 16.83 7.73 -16.49
CA ALA A 371 17.12 8.31 -17.79
C ALA A 371 16.80 9.80 -17.86
N VAL A 372 16.24 10.35 -16.78
CA VAL A 372 15.97 11.78 -16.64
C VAL A 372 16.50 12.20 -15.27
N PRO A 373 16.82 13.48 -15.10
CA PRO A 373 17.15 13.97 -13.75
C PRO A 373 16.01 13.68 -12.79
N ILE A 374 16.36 13.33 -11.55
CA ILE A 374 15.34 12.84 -10.62
C ILE A 374 14.23 13.86 -10.41
N ASP A 375 14.56 15.16 -10.41
CA ASP A 375 13.53 16.17 -10.20
C ASP A 375 12.47 16.16 -11.30
N GLN A 376 12.75 15.57 -12.46
CA GLN A 376 11.82 15.55 -13.57
C GLN A 376 10.70 14.54 -13.42
N LEU A 377 10.77 13.65 -12.42
CA LEU A 377 9.65 12.74 -12.17
C LEU A 377 8.43 13.55 -11.76
N VAL A 378 7.26 13.11 -12.21
CA VAL A 378 6.01 13.83 -11.99
C VAL A 378 5.25 13.08 -10.90
N TRP A 379 5.10 13.70 -9.74
CA TRP A 379 4.51 13.02 -8.59
C TRP A 379 2.99 13.19 -8.56
N ARG A 380 2.28 12.06 -8.55
CA ARG A 380 0.83 12.11 -8.54
C ARG A 380 0.32 12.83 -7.29
N THR A 381 -0.63 13.75 -7.46
CA THR A 381 -1.16 14.53 -6.36
C THR A 381 -2.55 14.04 -5.96
N ARG A 382 -2.95 14.41 -4.74
CA ARG A 382 -4.27 14.11 -4.19
C ARG A 382 -4.62 12.64 -4.35
N PHE A 383 -3.67 11.79 -4.00
CA PHE A 383 -3.78 10.36 -4.16
C PHE A 383 -3.36 9.70 -2.85
N GLN A 384 -3.83 8.47 -2.62
CA GLN A 384 -3.52 7.79 -1.36
C GLN A 384 -2.12 7.19 -1.37
N ARG A 385 -1.46 7.20 -2.51
CA ARG A 385 -0.06 6.79 -2.62
C ARG A 385 0.73 7.90 -3.27
N ARG A 386 2.03 7.90 -3.01
CA ARG A 386 2.98 8.75 -3.73
C ARG A 386 3.62 7.88 -4.79
N ILE A 387 3.47 8.28 -6.05
CA ILE A 387 4.09 7.57 -7.16
C ILE A 387 4.43 8.54 -8.28
N PRO A 388 5.50 8.25 -9.01
CA PRO A 388 5.79 9.02 -10.23
C PRO A 388 4.89 8.52 -11.34
N GLU A 389 4.40 9.45 -12.16
CA GLU A 389 3.51 9.03 -13.24
C GLU A 389 4.22 8.14 -14.24
N ARG A 390 5.49 8.44 -14.53
CA ARG A 390 6.35 7.60 -15.35
C ARG A 390 7.70 7.48 -14.64
N LEU A 391 8.37 6.34 -14.82
CA LEU A 391 9.69 6.13 -14.23
C LEU A 391 10.67 5.77 -15.34
N PRO A 392 11.22 6.77 -16.04
CA PRO A 392 12.06 6.50 -17.22
C PRO A 392 13.47 6.09 -16.81
N VAL A 393 13.90 4.91 -17.27
CA VAL A 393 15.23 4.39 -16.96
C VAL A 393 15.96 3.99 -18.23
N LEU A 394 17.28 3.85 -18.08
CA LEU A 394 18.14 3.24 -19.08
C LEU A 394 18.99 2.20 -18.37
N TRP A 395 19.81 1.48 -19.12
CA TRP A 395 20.59 0.40 -18.53
C TRP A 395 21.78 0.06 -19.40
#